data_1GSY
#
_entry.id   1GSY
#
_cell.length_a   142.680
_cell.length_b   162.570
_cell.length_c   63.320
_cell.angle_alpha   90.00
_cell.angle_beta   90.00
_cell.angle_gamma   90.00
#
_symmetry.space_group_name_H-M   'C 2 2 21'
#
loop_
_entity.id
_entity.type
_entity.pdbx_description
1 polymer 'GLUTATHIONE S-TRANSFERASE CLASS PI'
2 non-polymer GLUTATHIONE
3 water water
#
_entity_poly.entity_id   1
_entity_poly.type   'polypeptide(L)'
_entity_poly.pdbx_seq_one_letter_code
;PPYTIVYFPVRGRCEAMRMLLADQGQSWKEEVVTIDTWMQGLLKPTCLYGQLPKFEDGDLTLYQSNAILRHLGRSLGLYG
KNQREAAQMDMVNDGVEDLRGKYVTLIYTNYENGKNDYVKALPGHLKPFETLLSQNQGGKAFIVGDQISFADYNLLDLLL
IHQVLAPGCLDNFPLLSAYVARLSARPKIKAFLSSPEHVNRPINGNGKQ
;
_entity_poly.pdbx_strand_id   A,B
#
# COMPACT_ATOMS: atom_id res chain seq x y z
N PRO A 1 -1.05 -24.13 2.72
CA PRO A 1 -2.32 -24.49 2.08
C PRO A 1 -3.21 -25.19 3.10
N PRO A 2 -4.50 -25.37 2.79
CA PRO A 2 -5.24 -24.99 1.57
C PRO A 2 -5.65 -23.51 1.45
N TYR A 3 -5.82 -23.09 0.19
CA TYR A 3 -6.21 -21.73 -0.18
C TYR A 3 -7.73 -21.48 -0.33
N THR A 4 -8.21 -20.46 0.38
CA THR A 4 -9.61 -20.03 0.35
C THR A 4 -9.76 -18.50 0.34
N ILE A 5 -10.46 -17.98 -0.68
CA ILE A 5 -10.74 -16.55 -0.83
C ILE A 5 -12.17 -16.26 -0.39
N VAL A 6 -12.37 -15.24 0.46
CA VAL A 6 -13.71 -14.85 0.97
C VAL A 6 -14.07 -13.41 0.54
N TYR A 7 -15.02 -13.24 -0.37
CA TYR A 7 -15.34 -11.92 -0.90
C TYR A 7 -16.60 -11.87 -1.80
N PHE A 8 -17.17 -10.67 -1.91
CA PHE A 8 -18.34 -10.38 -2.75
C PHE A 8 -18.06 -10.85 -4.17
N PRO A 9 -19.09 -11.41 -4.85
CA PRO A 9 -19.00 -11.93 -6.24
C PRO A 9 -18.61 -10.91 -7.30
N VAL A 10 -17.36 -10.49 -7.27
CA VAL A 10 -16.88 -9.52 -8.23
C VAL A 10 -15.38 -9.71 -8.43
N ARG A 11 -14.87 -9.24 -9.56
CA ARG A 11 -13.44 -9.34 -9.79
C ARG A 11 -12.78 -8.38 -8.80
N GLY A 12 -13.20 -7.13 -8.81
CA GLY A 12 -12.65 -6.17 -7.88
C GLY A 12 -11.17 -6.29 -7.64
N ARG A 13 -10.83 -6.60 -6.39
CA ARG A 13 -9.45 -6.74 -5.97
C ARG A 13 -8.92 -8.17 -6.10
N CYS A 14 -9.76 -9.14 -5.80
CA CYS A 14 -9.38 -10.52 -5.87
C CYS A 14 -9.00 -11.10 -7.22
N GLU A 15 -9.36 -10.47 -8.32
CA GLU A 15 -9.02 -11.05 -9.62
C GLU A 15 -7.50 -11.25 -9.86
N ALA A 16 -6.67 -10.36 -9.30
CA ALA A 16 -5.22 -10.46 -9.46
C ALA A 16 -4.68 -11.75 -8.83
N MET A 17 -4.90 -11.92 -7.52
CA MET A 17 -4.48 -13.14 -6.81
C MET A 17 -5.10 -14.38 -7.46
N ARG A 18 -6.35 -14.30 -7.90
CA ARG A 18 -6.94 -15.45 -8.57
C ARG A 18 -6.04 -15.76 -9.76
N MET A 19 -5.61 -14.75 -10.50
CA MET A 19 -4.73 -15.01 -11.64
C MET A 19 -3.39 -15.59 -11.19
N LEU A 20 -2.82 -15.06 -10.11
CA LEU A 20 -1.55 -15.58 -9.63
C LEU A 20 -1.70 -17.06 -9.22
N LEU A 21 -2.60 -17.36 -8.27
CA LEU A 21 -2.86 -18.74 -7.81
C LEU A 21 -3.14 -19.69 -9.00
N ALA A 22 -3.76 -19.18 -10.04
CA ALA A 22 -4.02 -19.98 -11.21
C ALA A 22 -2.79 -20.15 -12.08
N ASP A 23 -2.04 -19.09 -12.29
CA ASP A 23 -0.84 -19.17 -13.12
C ASP A 23 0.12 -20.17 -12.49
N GLN A 24 0.17 -20.15 -11.16
CA GLN A 24 1.05 -21.03 -10.42
C GLN A 24 0.33 -22.32 -10.04
N GLY A 25 -0.49 -22.82 -10.95
CA GLY A 25 -1.21 -24.07 -10.74
C GLY A 25 -1.88 -24.39 -9.42
N GLN A 26 -2.01 -23.45 -8.48
CA GLN A 26 -2.65 -23.75 -7.20
C GLN A 26 -4.16 -23.87 -7.31
N SER A 27 -4.79 -24.54 -6.37
CA SER A 27 -6.22 -24.66 -6.42
C SER A 27 -6.69 -24.02 -5.15
N TRP A 28 -7.64 -23.10 -5.26
CA TRP A 28 -8.20 -22.44 -4.09
C TRP A 28 -9.71 -22.68 -4.04
N LYS A 29 -10.34 -22.27 -2.94
CA LYS A 29 -11.78 -22.41 -2.75
C LYS A 29 -12.39 -21.03 -2.57
N GLU A 30 -13.40 -20.74 -3.38
CA GLU A 30 -14.13 -19.47 -3.33
C GLU A 30 -15.25 -19.51 -2.30
N GLU A 31 -15.34 -18.50 -1.47
CA GLU A 31 -16.39 -18.45 -0.48
C GLU A 31 -17.09 -17.12 -0.62
N VAL A 32 -18.15 -17.10 -1.43
CA VAL A 32 -18.92 -15.89 -1.72
C VAL A 32 -19.75 -15.36 -0.57
N VAL A 33 -19.80 -14.03 -0.49
CA VAL A 33 -20.60 -13.35 0.53
C VAL A 33 -21.36 -12.37 -0.34
N THR A 34 -22.67 -12.55 -0.44
CA THR A 34 -23.48 -11.63 -1.24
C THR A 34 -23.77 -10.40 -0.36
N ILE A 35 -24.06 -9.27 -1.00
CA ILE A 35 -24.36 -8.04 -0.24
C ILE A 35 -25.43 -8.31 0.82
N ASP A 36 -26.41 -9.16 0.46
CA ASP A 36 -27.50 -9.53 1.35
C ASP A 36 -26.93 -10.28 2.57
N THR A 37 -25.98 -11.17 2.31
CA THR A 37 -25.34 -11.95 3.35
C THR A 37 -24.52 -11.02 4.25
N TRP A 38 -23.79 -10.11 3.60
CA TRP A 38 -22.96 -9.14 4.28
C TRP A 38 -23.79 -8.24 5.20
N MET A 39 -24.95 -7.80 4.72
CA MET A 39 -25.82 -6.93 5.51
C MET A 39 -26.35 -7.57 6.79
N GLN A 40 -26.30 -8.91 6.85
CA GLN A 40 -26.76 -9.67 8.02
C GLN A 40 -26.07 -9.14 9.27
N GLY A 41 -24.87 -8.60 9.05
CA GLY A 41 -24.10 -8.04 10.14
C GLY A 41 -23.54 -9.05 11.11
N LEU A 42 -23.12 -10.20 10.59
CA LEU A 42 -22.54 -11.23 11.47
C LEU A 42 -21.07 -11.47 11.10
N LEU A 43 -20.81 -11.52 9.79
CA LEU A 43 -19.47 -11.76 9.29
C LEU A 43 -18.56 -10.54 9.34
N LYS A 44 -19.08 -9.39 8.94
CA LYS A 44 -18.30 -8.13 8.94
C LYS A 44 -17.59 -7.79 10.24
N PRO A 45 -18.23 -8.00 11.40
CA PRO A 45 -17.59 -7.70 12.68
C PRO A 45 -16.42 -8.61 13.04
N THR A 46 -16.18 -9.64 12.24
CA THR A 46 -15.06 -10.56 12.47
C THR A 46 -13.90 -10.05 11.63
N CYS A 47 -14.23 -9.42 10.50
CA CYS A 47 -13.21 -8.88 9.61
C CYS A 47 -12.36 -7.82 10.30
N LEU A 48 -11.06 -8.10 10.41
CA LEU A 48 -10.10 -7.24 11.07
C LEU A 48 -10.31 -5.76 10.86
N TYR A 49 -10.50 -5.38 9.60
CA TYR A 49 -10.70 -3.98 9.27
C TYR A 49 -12.13 -3.71 8.78
N GLY A 50 -13.02 -4.67 9.03
CA GLY A 50 -14.41 -4.56 8.64
C GLY A 50 -14.62 -4.73 7.15
N GLN A 51 -13.66 -5.31 6.44
CA GLN A 51 -13.84 -5.50 5.01
C GLN A 51 -13.34 -6.83 4.48
N LEU A 52 -13.46 -6.98 3.17
CA LEU A 52 -13.03 -8.19 2.46
C LEU A 52 -12.17 -7.72 1.28
N PRO A 53 -11.38 -8.61 0.67
CA PRO A 53 -11.20 -10.03 0.97
C PRO A 53 -10.61 -10.37 2.33
N LYS A 54 -10.81 -11.63 2.72
CA LYS A 54 -10.31 -12.27 3.93
C LYS A 54 -9.74 -13.51 3.25
N PHE A 55 -8.45 -13.75 3.43
CA PHE A 55 -7.78 -14.88 2.79
C PHE A 55 -7.21 -15.79 3.84
N GLU A 56 -7.40 -17.08 3.66
CA GLU A 56 -6.89 -18.05 4.59
C GLU A 56 -5.96 -18.93 3.77
N ASP A 57 -4.86 -19.32 4.40
CA ASP A 57 -3.83 -20.21 3.83
C ASP A 57 -3.43 -20.99 5.08
N GLY A 58 -4.03 -22.16 5.25
CA GLY A 58 -3.74 -22.96 6.43
C GLY A 58 -4.24 -22.25 7.68
N ASP A 59 -3.45 -22.30 8.74
CA ASP A 59 -3.83 -21.67 10.00
C ASP A 59 -3.67 -20.14 9.97
N LEU A 60 -3.15 -19.61 8.86
CA LEU A 60 -2.93 -18.17 8.67
C LEU A 60 -4.10 -17.48 8.00
N THR A 61 -4.66 -16.49 8.69
CA THR A 61 -5.77 -15.75 8.15
C THR A 61 -5.35 -14.30 7.95
N LEU A 62 -5.35 -13.87 6.70
CA LEU A 62 -4.95 -12.53 6.32
C LEU A 62 -6.10 -11.62 5.88
N TYR A 63 -5.76 -10.36 5.61
CA TYR A 63 -6.68 -9.33 5.16
C TYR A 63 -5.84 -8.38 4.32
N GLN A 64 -6.48 -7.45 3.64
CA GLN A 64 -5.78 -6.48 2.80
C GLN A 64 -5.21 -7.16 1.55
N SER A 65 -5.90 -6.94 0.44
CA SER A 65 -5.52 -7.56 -0.83
C SER A 65 -4.02 -7.60 -1.10
N ASN A 66 -3.35 -6.48 -0.89
CA ASN A 66 -1.93 -6.43 -1.15
C ASN A 66 -1.13 -7.25 -0.17
N ALA A 67 -1.52 -7.24 1.11
CA ALA A 67 -0.83 -8.03 2.12
C ALA A 67 -0.90 -9.45 1.56
N ILE A 68 -2.08 -9.83 1.09
CA ILE A 68 -2.26 -11.15 0.50
C ILE A 68 -1.43 -11.36 -0.78
N LEU A 69 -1.44 -10.40 -1.67
CA LEU A 69 -0.66 -10.56 -2.87
C LEU A 69 0.82 -10.78 -2.57
N ARG A 70 1.34 -10.04 -1.59
CA ARG A 70 2.74 -10.17 -1.20
C ARG A 70 3.06 -11.49 -0.51
N HIS A 71 2.16 -11.97 0.33
CA HIS A 71 2.36 -13.25 1.01
C HIS A 71 2.40 -14.34 -0.07
N LEU A 72 1.60 -14.19 -1.10
CA LEU A 72 1.63 -15.20 -2.13
C LEU A 72 2.94 -15.07 -2.87
N GLY A 73 3.45 -13.84 -3.00
CA GLY A 73 4.71 -13.62 -3.69
C GLY A 73 5.90 -14.21 -2.94
N ARG A 74 5.89 -14.11 -1.61
CA ARG A 74 6.95 -14.68 -0.80
C ARG A 74 6.88 -16.21 -0.86
N SER A 75 5.70 -16.77 -0.68
CA SER A 75 5.50 -18.22 -0.70
C SER A 75 5.76 -18.98 -2.00
N LEU A 76 5.19 -18.52 -3.08
CA LEU A 76 5.39 -19.20 -4.35
C LEU A 76 6.66 -18.67 -5.03
N GLY A 77 7.40 -17.83 -4.31
CA GLY A 77 8.62 -17.28 -4.86
C GLY A 77 8.46 -16.49 -6.15
N LEU A 78 7.58 -15.47 -6.11
CA LEU A 78 7.26 -14.56 -7.21
C LEU A 78 7.41 -13.17 -6.60
N TYR A 79 8.54 -12.94 -5.95
CA TYR A 79 8.78 -11.67 -5.30
C TYR A 79 10.23 -11.22 -5.53
N GLY A 80 10.88 -11.74 -6.56
CA GLY A 80 12.25 -11.34 -6.87
C GLY A 80 13.39 -12.25 -6.46
N LYS A 81 14.60 -11.93 -6.92
CA LYS A 81 15.82 -12.71 -6.61
C LYS A 81 16.80 -12.01 -5.64
N ASN A 82 16.49 -10.78 -5.26
CA ASN A 82 17.35 -10.02 -4.37
C ASN A 82 16.61 -8.84 -3.76
N GLN A 83 17.15 -8.31 -2.66
CA GLN A 83 16.54 -7.18 -1.94
C GLN A 83 16.32 -5.97 -2.83
N ARG A 84 17.10 -5.91 -3.90
CA ARG A 84 17.01 -4.84 -4.86
C ARG A 84 15.76 -5.00 -5.71
N GLU A 85 15.49 -6.21 -6.19
CA GLU A 85 14.31 -6.47 -7.02
C GLU A 85 13.05 -6.33 -6.19
N ALA A 86 13.14 -6.78 -4.95
CA ALA A 86 12.02 -6.67 -4.05
C ALA A 86 11.62 -5.20 -3.94
N ALA A 87 12.59 -4.29 -4.03
CA ALA A 87 12.31 -2.85 -3.94
C ALA A 87 11.65 -2.40 -5.24
N GLN A 88 12.27 -2.72 -6.38
CA GLN A 88 11.67 -2.30 -7.63
C GLN A 88 10.22 -2.76 -7.74
N MET A 89 9.98 -4.03 -7.43
CA MET A 89 8.62 -4.56 -7.50
C MET A 89 7.68 -3.81 -6.57
N ASP A 90 8.03 -3.73 -5.29
CA ASP A 90 7.24 -3.00 -4.31
C ASP A 90 6.96 -1.55 -4.76
N MET A 91 7.92 -0.93 -5.44
CA MET A 91 7.72 0.44 -5.90
C MET A 91 6.70 0.44 -7.01
N VAL A 92 6.61 -0.66 -7.74
CA VAL A 92 5.64 -0.82 -8.82
C VAL A 92 4.22 -1.10 -8.27
N ASN A 93 4.08 -2.08 -7.37
CA ASN A 93 2.76 -2.38 -6.83
C ASN A 93 2.21 -1.16 -6.11
N ASP A 94 3.01 -0.53 -5.26
CA ASP A 94 2.56 0.68 -4.55
C ASP A 94 2.03 1.73 -5.53
N GLY A 95 2.51 1.68 -6.78
CA GLY A 95 2.09 2.62 -7.80
C GLY A 95 0.81 2.17 -8.42
N VAL A 96 0.71 0.86 -8.61
CA VAL A 96 -0.49 0.26 -9.17
C VAL A 96 -1.62 0.56 -8.20
N GLU A 97 -1.47 0.18 -6.93
CA GLU A 97 -2.51 0.45 -5.95
C GLU A 97 -2.93 1.90 -6.00
N ASP A 98 -1.95 2.82 -6.07
CA ASP A 98 -2.25 4.25 -6.12
C ASP A 98 -3.26 4.56 -7.24
N LEU A 99 -2.96 4.09 -8.45
CA LEU A 99 -3.86 4.32 -9.55
C LEU A 99 -5.21 3.60 -9.31
N ARG A 100 -5.21 2.27 -9.10
CA ARG A 100 -6.43 1.51 -8.84
C ARG A 100 -7.36 2.23 -7.83
N GLY A 101 -6.76 2.76 -6.77
CA GLY A 101 -7.54 3.50 -5.78
C GLY A 101 -8.37 4.58 -6.45
N LYS A 102 -7.77 5.34 -7.36
CA LYS A 102 -8.50 6.38 -8.09
C LYS A 102 -9.61 5.72 -8.88
N TYR A 103 -9.28 4.63 -9.59
CA TYR A 103 -10.28 3.89 -10.37
C TYR A 103 -11.46 3.48 -9.50
N VAL A 104 -11.21 3.16 -8.25
CA VAL A 104 -12.32 2.79 -7.38
C VAL A 104 -13.21 4.01 -7.09
N THR A 105 -12.62 5.11 -6.65
CA THR A 105 -13.45 6.29 -6.39
C THR A 105 -14.28 6.69 -7.62
N LEU A 106 -13.66 6.68 -8.79
CA LEU A 106 -14.33 7.04 -10.01
C LEU A 106 -15.58 6.20 -10.19
N ILE A 107 -15.43 4.88 -10.17
CA ILE A 107 -16.54 3.97 -10.36
C ILE A 107 -17.59 3.98 -9.26
N TYR A 108 -17.20 4.16 -8.00
CA TYR A 108 -18.19 4.10 -6.95
C TYR A 108 -18.60 5.44 -6.38
N THR A 109 -18.07 6.53 -6.92
CA THR A 109 -18.38 7.85 -6.38
C THR A 109 -18.78 8.91 -7.39
N ASN A 110 -17.94 9.18 -8.39
CA ASN A 110 -18.29 10.19 -9.39
C ASN A 110 -18.04 9.70 -10.81
N TYR A 111 -18.82 8.69 -11.21
CA TYR A 111 -18.69 8.08 -12.54
C TYR A 111 -19.19 8.89 -13.71
N GLU A 112 -20.42 9.35 -13.59
CA GLU A 112 -21.11 10.11 -14.64
C GLU A 112 -20.38 11.38 -15.09
N ASN A 113 -20.20 12.29 -14.14
CA ASN A 113 -19.54 13.55 -14.39
C ASN A 113 -18.05 13.46 -14.07
N GLY A 114 -17.57 12.25 -13.78
CA GLY A 114 -16.17 12.06 -13.47
C GLY A 114 -15.37 11.35 -14.55
N LYS A 115 -16.00 10.43 -15.26
CA LYS A 115 -15.31 9.67 -16.29
C LYS A 115 -14.53 10.50 -17.32
N ASN A 116 -15.17 11.48 -17.96
CA ASN A 116 -14.45 12.28 -18.95
C ASN A 116 -13.16 12.85 -18.39
N ASP A 117 -13.24 13.38 -17.17
CA ASP A 117 -12.09 13.98 -16.50
C ASP A 117 -10.96 12.97 -16.36
N TYR A 118 -11.28 11.84 -15.75
CA TYR A 118 -10.34 10.74 -15.50
C TYR A 118 -9.80 10.10 -16.78
N VAL A 119 -10.60 10.02 -17.83
CA VAL A 119 -10.13 9.42 -19.07
C VAL A 119 -9.03 10.27 -19.74
N LYS A 120 -9.15 11.59 -19.62
CA LYS A 120 -8.16 12.50 -20.19
C LYS A 120 -6.85 12.46 -19.41
N ALA A 121 -6.95 12.36 -18.08
CA ALA A 121 -5.77 12.33 -17.20
C ALA A 121 -5.06 10.97 -17.17
N LEU A 122 -5.82 9.92 -17.44
CA LEU A 122 -5.31 8.57 -17.44
C LEU A 122 -3.93 8.40 -18.05
N PRO A 123 -3.72 8.89 -19.30
CA PRO A 123 -2.41 8.75 -19.97
C PRO A 123 -1.18 9.05 -19.13
N GLY A 124 -1.24 10.14 -18.36
CA GLY A 124 -0.10 10.49 -17.54
C GLY A 124 0.25 9.41 -16.55
N HIS A 125 -0.76 8.65 -16.11
CA HIS A 125 -0.57 7.60 -15.12
C HIS A 125 -0.01 6.29 -15.66
N LEU A 126 -0.23 6.03 -16.93
CA LEU A 126 0.26 4.80 -17.51
C LEU A 126 1.66 4.91 -18.04
N LYS A 127 2.07 6.13 -18.34
CA LYS A 127 3.41 6.40 -18.85
C LYS A 127 4.54 5.83 -17.97
N PRO A 128 4.50 6.02 -16.62
CA PRO A 128 5.56 5.49 -15.76
C PRO A 128 5.80 4.02 -15.99
N PHE A 129 4.73 3.24 -15.94
CA PHE A 129 4.81 1.80 -16.15
C PHE A 129 5.42 1.49 -17.53
N GLU A 130 5.17 2.35 -18.51
CA GLU A 130 5.71 2.16 -19.85
C GLU A 130 7.20 2.44 -19.77
N THR A 131 7.56 3.47 -19.01
CA THR A 131 8.95 3.84 -18.85
C THR A 131 9.70 2.72 -18.17
N LEU A 132 9.13 2.26 -17.07
CA LEU A 132 9.70 1.19 -16.30
C LEU A 132 10.07 0.05 -17.22
N LEU A 133 9.19 -0.23 -18.18
CA LEU A 133 9.40 -1.31 -19.15
C LEU A 133 10.49 -0.98 -20.16
N SER A 134 10.52 0.27 -20.62
CA SER A 134 11.52 0.69 -21.58
C SER A 134 12.91 0.43 -20.99
N GLN A 135 13.00 0.60 -19.67
CA GLN A 135 14.24 0.39 -18.96
C GLN A 135 14.43 -1.04 -18.45
N ASN A 136 14.18 -2.04 -19.29
CA ASN A 136 14.35 -3.45 -18.92
C ASN A 136 14.16 -4.34 -20.12
N GLN A 137 15.27 -4.76 -20.71
CA GLN A 137 15.25 -5.61 -21.89
C GLN A 137 14.30 -5.06 -22.96
N GLY A 138 14.07 -3.74 -22.95
CA GLY A 138 13.18 -3.12 -23.91
C GLY A 138 11.74 -3.60 -23.86
N GLY A 139 11.24 -3.83 -22.66
CA GLY A 139 9.86 -4.29 -22.49
C GLY A 139 9.59 -5.68 -23.03
N LYS A 140 10.64 -6.48 -23.13
CA LYS A 140 10.51 -7.85 -23.63
C LYS A 140 10.42 -8.84 -22.47
N ALA A 141 10.55 -8.33 -21.25
CA ALA A 141 10.53 -9.19 -20.09
C ALA A 141 9.28 -8.98 -19.25
N PHE A 142 9.47 -8.65 -17.98
CA PHE A 142 8.34 -8.42 -17.08
C PHE A 142 8.50 -7.05 -16.48
N ILE A 143 7.62 -6.68 -15.56
CA ILE A 143 7.70 -5.35 -14.99
C ILE A 143 9.01 -5.07 -14.27
N VAL A 144 9.53 -6.04 -13.51
CA VAL A 144 10.77 -5.78 -12.79
C VAL A 144 11.92 -6.70 -13.17
N GLY A 145 11.70 -7.99 -13.23
CA GLY A 145 12.81 -8.87 -13.58
C GLY A 145 12.71 -9.60 -14.91
N ASP A 146 13.32 -10.78 -14.95
CA ASP A 146 13.27 -11.64 -16.11
C ASP A 146 12.24 -12.72 -15.70
N GLN A 147 11.72 -12.58 -14.48
CA GLN A 147 10.72 -13.50 -13.93
C GLN A 147 9.47 -12.77 -13.46
N ILE A 148 8.35 -13.48 -13.43
CA ILE A 148 7.04 -12.95 -13.02
C ILE A 148 6.94 -12.76 -11.50
N SER A 149 6.12 -11.81 -11.06
CA SER A 149 5.99 -11.54 -9.64
C SER A 149 4.57 -11.14 -9.27
N PHE A 150 4.29 -10.97 -7.98
CA PHE A 150 2.97 -10.58 -7.56
C PHE A 150 2.61 -9.29 -8.29
N ALA A 151 3.58 -8.38 -8.37
CA ALA A 151 3.38 -7.08 -9.06
C ALA A 151 2.93 -7.21 -10.52
N ASP A 152 3.48 -8.18 -11.26
CA ASP A 152 3.08 -8.34 -12.65
C ASP A 152 1.60 -8.69 -12.82
N TYR A 153 1.05 -9.53 -11.94
CA TYR A 153 -0.36 -9.91 -12.06
C TYR A 153 -1.21 -8.69 -11.86
N ASN A 154 -0.91 -7.97 -10.80
CA ASN A 154 -1.63 -6.76 -10.47
C ASN A 154 -1.59 -5.75 -11.63
N LEU A 155 -0.43 -5.47 -12.20
CA LEU A 155 -0.39 -4.52 -13.30
C LEU A 155 -1.20 -5.03 -14.48
N LEU A 156 -1.09 -6.33 -14.78
CA LEU A 156 -1.84 -6.91 -15.90
C LEU A 156 -3.35 -6.70 -15.66
N ASP A 157 -3.78 -6.82 -14.42
CA ASP A 157 -5.19 -6.64 -14.14
C ASP A 157 -5.64 -5.20 -14.34
N LEU A 158 -4.98 -4.28 -13.66
CA LEU A 158 -5.31 -2.86 -13.76
C LEU A 158 -5.41 -2.46 -15.23
N LEU A 159 -4.46 -2.92 -16.05
CA LEU A 159 -4.51 -2.57 -17.47
C LEU A 159 -5.69 -3.21 -18.16
N LEU A 160 -6.09 -4.39 -17.70
CA LEU A 160 -7.22 -5.06 -18.32
C LEU A 160 -8.52 -4.34 -17.98
N ILE A 161 -8.69 -3.90 -16.74
CA ILE A 161 -9.91 -3.19 -16.39
C ILE A 161 -9.94 -1.80 -17.03
N HIS A 162 -8.77 -1.24 -17.37
CA HIS A 162 -8.73 0.07 -18.04
C HIS A 162 -8.94 -0.07 -19.56
N GLN A 163 -9.04 -1.29 -20.06
CA GLN A 163 -9.30 -1.48 -21.48
C GLN A 163 -10.81 -1.48 -21.64
N VAL A 164 -11.53 -1.62 -20.52
CA VAL A 164 -12.99 -1.54 -20.53
C VAL A 164 -13.28 -0.06 -20.41
N LEU A 165 -12.93 0.53 -19.25
CA LEU A 165 -13.15 1.95 -18.99
C LEU A 165 -12.79 2.89 -20.14
N ALA A 166 -11.51 2.99 -20.49
CA ALA A 166 -11.11 3.90 -21.57
C ALA A 166 -10.48 3.15 -22.74
N PRO A 167 -11.31 2.50 -23.58
CA PRO A 167 -10.91 1.72 -24.77
C PRO A 167 -9.91 2.41 -25.68
N GLY A 168 -8.78 1.75 -25.92
CA GLY A 168 -7.75 2.32 -26.77
C GLY A 168 -6.65 3.05 -26.01
N CYS A 169 -6.83 3.23 -24.70
CA CYS A 169 -5.87 3.92 -23.86
C CYS A 169 -4.38 3.55 -24.02
N LEU A 170 -4.09 2.27 -24.18
CA LEU A 170 -2.71 1.83 -24.33
C LEU A 170 -2.15 1.93 -25.75
N ASP A 171 -2.96 2.40 -26.70
CA ASP A 171 -2.54 2.53 -28.09
C ASP A 171 -1.24 3.30 -28.23
N ASN A 172 -1.12 4.37 -27.45
CA ASN A 172 0.04 5.24 -27.45
C ASN A 172 1.21 4.72 -26.62
N PHE A 173 1.03 3.59 -25.95
CA PHE A 173 2.09 2.99 -25.14
C PHE A 173 2.31 1.59 -25.68
N PRO A 174 3.02 1.49 -26.79
CA PRO A 174 3.34 0.24 -27.49
C PRO A 174 3.97 -0.85 -26.64
N LEU A 175 4.57 -0.51 -25.51
CA LEU A 175 5.16 -1.57 -24.66
C LEU A 175 4.11 -2.20 -23.75
N LEU A 176 3.26 -1.35 -23.17
CA LEU A 176 2.23 -1.84 -22.30
C LEU A 176 1.25 -2.70 -23.10
N SER A 177 1.13 -2.41 -24.40
CA SER A 177 0.23 -3.18 -25.26
C SER A 177 0.80 -4.57 -25.44
N ALA A 178 2.11 -4.62 -25.62
CA ALA A 178 2.81 -5.88 -25.77
C ALA A 178 2.65 -6.65 -24.47
N TYR A 179 3.01 -5.96 -23.39
CA TYR A 179 2.94 -6.52 -22.05
C TYR A 179 1.66 -7.28 -21.85
N VAL A 180 0.54 -6.65 -22.15
CA VAL A 180 -0.76 -7.30 -21.95
C VAL A 180 -0.94 -8.46 -22.92
N ALA A 181 -0.49 -8.29 -24.16
CA ALA A 181 -0.65 -9.34 -25.16
C ALA A 181 0.05 -10.62 -24.75
N ARG A 182 1.28 -10.49 -24.28
CA ARG A 182 2.06 -11.64 -23.84
C ARG A 182 1.49 -12.29 -22.58
N LEU A 183 1.49 -11.54 -21.47
CA LEU A 183 1.00 -12.10 -20.22
C LEU A 183 -0.33 -12.82 -20.35
N SER A 184 -1.24 -12.25 -21.12
CA SER A 184 -2.54 -12.89 -21.31
C SER A 184 -2.43 -14.16 -22.14
N ALA A 185 -1.40 -14.24 -22.96
CA ALA A 185 -1.21 -15.43 -23.79
C ALA A 185 -0.59 -16.57 -22.99
N ARG A 186 -0.09 -16.25 -21.79
CA ARG A 186 0.50 -17.27 -20.96
C ARG A 186 -0.56 -18.34 -20.76
N PRO A 187 -0.26 -19.57 -21.22
CA PRO A 187 -1.16 -20.71 -21.16
C PRO A 187 -2.11 -20.73 -19.95
N LYS A 188 -1.58 -20.81 -18.75
CA LYS A 188 -2.45 -20.85 -17.58
C LYS A 188 -3.37 -19.64 -17.39
N ILE A 189 -2.90 -18.46 -17.80
CA ILE A 189 -3.71 -17.26 -17.67
C ILE A 189 -4.85 -17.28 -18.70
N LYS A 190 -4.51 -17.55 -19.95
CA LYS A 190 -5.52 -17.61 -21.01
C LYS A 190 -6.63 -18.58 -20.57
N ALA A 191 -6.21 -19.68 -19.95
CA ALA A 191 -7.13 -20.69 -19.47
C ALA A 191 -8.10 -19.99 -18.52
N PHE A 192 -7.54 -19.29 -17.54
CA PHE A 192 -8.37 -18.58 -16.56
C PHE A 192 -9.28 -17.54 -17.19
N LEU A 193 -8.70 -16.73 -18.07
CA LEU A 193 -9.45 -15.67 -18.71
C LEU A 193 -10.68 -16.13 -19.50
N SER A 194 -10.67 -17.37 -19.97
CA SER A 194 -11.84 -17.87 -20.70
C SER A 194 -12.73 -18.66 -19.72
N SER A 195 -12.34 -18.63 -18.46
CA SER A 195 -13.09 -19.36 -17.46
C SER A 195 -14.43 -18.72 -17.19
N PRO A 196 -15.47 -19.53 -17.11
CA PRO A 196 -16.81 -19.06 -16.82
C PRO A 196 -16.84 -18.38 -15.44
N GLU A 197 -16.09 -18.92 -14.47
CA GLU A 197 -16.07 -18.31 -13.15
C GLU A 197 -15.67 -16.84 -13.26
N HIS A 198 -14.78 -16.55 -14.19
CA HIS A 198 -14.28 -15.19 -14.38
C HIS A 198 -15.08 -14.39 -15.41
N VAL A 199 -15.43 -15.02 -16.53
CA VAL A 199 -16.21 -14.35 -17.57
C VAL A 199 -17.62 -13.98 -17.10
N ASN A 200 -18.17 -14.70 -16.13
CA ASN A 200 -19.50 -14.41 -15.61
C ASN A 200 -19.41 -13.57 -14.36
N ARG A 201 -18.33 -12.81 -14.21
CA ARG A 201 -18.15 -11.99 -13.02
C ARG A 201 -18.10 -10.50 -13.34
N PRO A 202 -18.92 -9.70 -12.65
CA PRO A 202 -19.01 -8.26 -12.81
C PRO A 202 -17.73 -7.61 -12.33
N ILE A 203 -17.08 -6.83 -13.18
CA ILE A 203 -15.85 -6.19 -12.78
C ILE A 203 -16.01 -5.45 -11.46
N ASN A 204 -17.09 -4.71 -11.29
CA ASN A 204 -17.29 -4.02 -10.01
C ASN A 204 -18.71 -4.36 -9.55
N GLY A 205 -19.01 -4.13 -8.28
CA GLY A 205 -20.33 -4.51 -7.75
C GLY A 205 -21.45 -3.50 -7.69
N ASN A 206 -21.51 -2.63 -8.69
CA ASN A 206 -22.56 -1.63 -8.74
C ASN A 206 -23.08 -1.51 -10.18
N GLY A 207 -22.47 -2.27 -11.09
CA GLY A 207 -22.91 -2.22 -12.47
C GLY A 207 -22.23 -1.20 -13.35
N LYS A 208 -21.22 -0.50 -12.84
CA LYS A 208 -20.52 0.48 -13.65
C LYS A 208 -19.12 -0.01 -14.06
N GLN A 209 -18.76 0.17 -15.33
CA GLN A 209 -17.43 -0.22 -15.80
C GLN A 209 -17.01 0.51 -17.07
N PRO B 1 23.87 1.63 2.75
CA PRO B 1 23.98 3.09 2.79
C PRO B 1 24.84 3.51 1.61
N PRO B 2 25.09 4.83 1.43
CA PRO B 2 24.64 6.01 2.20
C PRO B 2 23.14 6.32 1.97
N TYR B 3 22.53 7.03 2.94
CA TYR B 3 21.09 7.36 2.86
C TYR B 3 20.79 8.84 2.56
N THR B 4 19.96 9.07 1.56
CA THR B 4 19.58 10.42 1.15
C THR B 4 18.08 10.53 0.82
N ILE B 5 17.38 11.38 1.56
CA ILE B 5 15.94 11.62 1.39
C ILE B 5 15.67 12.94 0.62
N VAL B 6 14.77 12.91 -0.37
CA VAL B 6 14.42 14.12 -1.12
C VAL B 6 12.92 14.36 -0.90
N TYR B 7 12.57 15.28 -0.02
CA TYR B 7 11.17 15.55 0.29
C TYR B 7 11.00 17.05 0.56
N PHE B 8 9.75 17.47 0.74
CA PHE B 8 9.44 18.87 1.03
C PHE B 8 9.81 19.09 2.49
N PRO B 9 9.75 20.35 2.95
CA PRO B 9 10.10 20.63 4.34
C PRO B 9 9.05 20.32 5.41
N VAL B 10 8.46 19.13 5.35
CA VAL B 10 7.45 18.75 6.35
C VAL B 10 7.64 17.29 6.69
N ARG B 11 7.05 16.89 7.82
CA ARG B 11 7.08 15.52 8.32
C ARG B 11 6.37 14.63 7.30
N GLY B 12 5.05 14.81 7.23
CA GLY B 12 4.26 14.06 6.27
C GLY B 12 4.60 12.59 6.15
N ARG B 13 4.80 12.14 4.92
CA ARG B 13 5.09 10.74 4.66
C ARG B 13 6.54 10.33 4.86
N CYS B 14 7.34 11.20 5.49
CA CYS B 14 8.74 10.87 5.70
C CYS B 14 9.22 10.75 7.14
N GLU B 15 8.50 11.35 8.09
CA GLU B 15 8.88 11.28 9.50
C GLU B 15 9.11 9.86 10.05
N ALA B 16 8.21 8.92 9.76
CA ALA B 16 8.37 7.55 10.25
C ALA B 16 9.62 6.89 9.68
N MET B 17 9.94 7.13 8.41
CA MET B 17 11.16 6.53 7.84
C MET B 17 12.41 7.15 8.48
N ARG B 18 12.44 8.47 8.60
CA ARG B 18 13.57 9.15 9.23
C ARG B 18 13.72 8.54 10.61
N MET B 19 12.60 8.38 11.31
CA MET B 19 12.53 7.84 12.67
C MET B 19 13.08 6.43 12.83
N LEU B 20 13.00 5.63 11.77
CA LEU B 20 13.50 4.26 11.80
C LEU B 20 15.01 4.32 11.64
N LEU B 21 15.49 5.23 10.79
CA LEU B 21 16.91 5.43 10.56
C LEU B 21 17.56 5.81 11.87
N ALA B 22 16.88 6.63 12.66
CA ALA B 22 17.41 7.03 13.94
C ALA B 22 17.60 5.84 14.91
N ASP B 23 16.56 5.02 15.05
CA ASP B 23 16.62 3.87 15.96
C ASP B 23 17.70 2.90 15.57
N GLN B 24 17.84 2.69 14.27
CA GLN B 24 18.84 1.78 13.73
C GLN B 24 20.26 2.40 13.73
N GLY B 25 20.43 3.48 14.47
CA GLY B 25 21.71 4.14 14.55
C GLY B 25 22.27 4.59 13.22
N GLN B 26 21.40 4.83 12.24
CA GLN B 26 21.89 5.26 10.93
C GLN B 26 21.90 6.78 10.75
N SER B 27 22.57 7.23 9.69
CA SER B 27 22.68 8.65 9.37
C SER B 27 22.35 8.82 7.89
N TRP B 28 21.54 9.84 7.60
CA TRP B 28 21.10 10.09 6.24
C TRP B 28 21.22 11.56 5.90
N LYS B 29 21.11 11.86 4.63
CA LYS B 29 21.20 13.24 4.16
C LYS B 29 19.82 13.68 3.72
N GLU B 30 19.43 14.86 4.17
CA GLU B 30 18.13 15.42 3.83
C GLU B 30 18.19 16.54 2.82
N GLU B 31 18.08 16.21 1.54
CA GLU B 31 18.09 17.24 0.53
C GLU B 31 16.65 17.78 0.59
N VAL B 32 16.46 18.95 1.19
CA VAL B 32 15.15 19.58 1.33
C VAL B 32 14.70 20.43 0.13
N VAL B 33 13.60 20.03 -0.49
CA VAL B 33 13.05 20.76 -1.64
C VAL B 33 11.96 21.70 -1.21
N THR B 34 12.22 22.99 -1.33
CA THR B 34 11.22 23.96 -0.98
C THR B 34 10.19 23.94 -2.11
N ILE B 35 8.94 24.23 -1.79
CA ILE B 35 7.83 24.24 -2.76
C ILE B 35 8.20 24.95 -4.06
N ASP B 36 8.84 26.11 -3.93
CA ASP B 36 9.23 26.92 -5.08
C ASP B 36 10.04 26.12 -6.07
N THR B 37 11.01 25.36 -5.57
CA THR B 37 11.87 24.56 -6.43
C THR B 37 11.02 23.48 -7.13
N TRP B 38 9.94 23.07 -6.49
CA TRP B 38 9.06 22.06 -7.06
C TRP B 38 8.16 22.69 -8.12
N MET B 39 7.59 23.84 -7.81
CA MET B 39 6.71 24.54 -8.75
C MET B 39 7.48 25.06 -9.96
N GLN B 40 8.78 25.29 -9.79
CA GLN B 40 9.62 25.78 -10.88
C GLN B 40 9.63 24.74 -12.00
N GLY B 41 9.38 23.48 -11.62
CA GLY B 41 9.36 22.38 -12.56
C GLY B 41 10.72 21.76 -12.80
N LEU B 42 11.49 21.55 -11.73
CA LEU B 42 12.81 20.96 -11.85
C LEU B 42 12.84 19.44 -11.72
N LEU B 43 12.48 18.94 -10.54
CA LEU B 43 12.49 17.51 -10.30
C LEU B 43 11.36 16.75 -10.95
N LYS B 44 10.12 17.19 -10.74
CA LYS B 44 8.93 16.51 -11.28
C LYS B 44 9.08 15.68 -12.56
N PRO B 45 9.65 16.25 -13.64
CA PRO B 45 9.78 15.42 -14.84
C PRO B 45 10.67 14.19 -14.63
N THR B 46 11.68 14.29 -13.76
CA THR B 46 12.58 13.17 -13.46
C THR B 46 11.96 12.07 -12.60
N CYS B 47 11.10 12.47 -11.67
CA CYS B 47 10.42 11.57 -10.73
C CYS B 47 9.41 10.59 -11.34
N LEU B 48 9.62 9.30 -11.08
CA LEU B 48 8.77 8.22 -11.59
C LEU B 48 7.29 8.54 -11.54
N TYR B 49 6.81 8.99 -10.39
CA TYR B 49 5.39 9.32 -10.25
C TYR B 49 5.17 10.80 -9.87
N GLY B 50 5.96 11.68 -10.46
CA GLY B 50 5.83 13.09 -10.15
C GLY B 50 6.21 13.35 -8.71
N GLN B 51 5.29 13.07 -7.80
CA GLN B 51 5.50 13.26 -6.37
C GLN B 51 6.81 12.79 -5.76
N LEU B 52 7.05 13.28 -4.54
CA LEU B 52 8.21 12.98 -3.68
C LEU B 52 7.55 12.37 -2.44
N PRO B 53 8.32 11.77 -1.51
CA PRO B 53 9.77 11.55 -1.39
C PRO B 53 10.44 10.69 -2.42
N LYS B 54 11.72 10.99 -2.67
CA LYS B 54 12.59 10.22 -3.55
C LYS B 54 13.61 9.77 -2.54
N PHE B 55 14.19 8.59 -2.74
CA PHE B 55 15.16 8.06 -1.79
C PHE B 55 16.26 7.36 -2.60
N GLU B 56 17.47 7.39 -2.05
CA GLU B 56 18.63 6.79 -2.70
C GLU B 56 19.39 6.04 -1.63
N ASP B 57 19.63 4.76 -1.86
CA ASP B 57 20.40 3.95 -0.93
C ASP B 57 21.51 3.42 -1.82
N GLY B 58 22.69 4.00 -1.66
CA GLY B 58 23.81 3.60 -2.49
C GLY B 58 23.50 4.14 -3.86
N ASP B 59 23.23 3.25 -4.80
CA ASP B 59 22.89 3.65 -6.15
C ASP B 59 21.42 3.34 -6.48
N LEU B 60 20.72 2.70 -5.55
CA LEU B 60 19.31 2.35 -5.72
C LEU B 60 18.42 3.56 -5.44
N THR B 61 17.72 4.04 -6.47
CA THR B 61 16.81 5.20 -6.31
C THR B 61 15.40 4.67 -6.18
N LEU B 62 14.86 4.80 -4.97
CA LEU B 62 13.51 4.36 -4.68
C LEU B 62 12.47 5.48 -4.70
N TYR B 63 11.22 5.05 -4.73
CA TYR B 63 10.07 5.94 -4.74
C TYR B 63 8.93 5.22 -4.02
N GLN B 64 8.04 6.01 -3.41
CA GLN B 64 6.87 5.49 -2.69
C GLN B 64 7.20 5.23 -1.23
N SER B 65 6.64 6.06 -0.35
CA SER B 65 6.91 5.97 1.08
C SER B 65 6.77 4.58 1.66
N ASN B 66 5.98 3.73 1.03
CA ASN B 66 5.83 2.38 1.54
C ASN B 66 6.82 1.39 0.95
N ALA B 67 7.23 1.61 -0.29
CA ALA B 67 8.21 0.72 -0.90
C ALA B 67 9.52 1.00 -0.18
N ILE B 68 9.64 2.19 0.39
CA ILE B 68 10.84 2.56 1.13
C ILE B 68 10.85 1.92 2.51
N LEU B 69 9.82 2.15 3.33
CA LEU B 69 9.76 1.55 4.65
C LEU B 69 10.03 0.04 4.62
N ARG B 70 9.56 -0.61 3.56
CA ARG B 70 9.73 -2.05 3.38
C ARG B 70 11.17 -2.34 3.02
N HIS B 71 11.75 -1.49 2.19
CA HIS B 71 13.16 -1.65 1.83
C HIS B 71 14.05 -1.51 3.05
N LEU B 72 13.89 -0.45 3.82
CA LEU B 72 14.68 -0.26 5.03
C LEU B 72 14.36 -1.44 5.96
N GLY B 73 13.14 -1.93 5.88
CA GLY B 73 12.72 -3.06 6.69
C GLY B 73 13.45 -4.35 6.38
N ARG B 74 13.68 -4.61 5.10
CA ARG B 74 14.39 -5.83 4.69
C ARG B 74 15.88 -5.68 4.86
N SER B 75 16.39 -4.51 4.49
CA SER B 75 17.82 -4.29 4.59
C SER B 75 18.28 -4.36 6.03
N LEU B 76 17.74 -3.53 6.90
CA LEU B 76 18.17 -3.57 8.29
C LEU B 76 17.59 -4.76 9.04
N GLY B 77 16.95 -5.67 8.30
CA GLY B 77 16.41 -6.85 8.91
C GLY B 77 15.29 -6.76 9.93
N LEU B 78 14.48 -5.73 9.87
CA LEU B 78 13.38 -5.66 10.80
C LEU B 78 12.04 -5.79 10.06
N TYR B 79 11.80 -7.03 9.62
CA TYR B 79 10.61 -7.40 8.85
C TYR B 79 10.17 -8.76 9.39
N GLY B 80 10.18 -8.92 10.71
CA GLY B 80 9.75 -10.18 11.30
C GLY B 80 10.80 -11.26 11.43
N LYS B 81 10.38 -12.45 11.84
CA LYS B 81 11.28 -13.58 12.03
C LYS B 81 11.02 -14.70 11.02
N ASN B 82 9.83 -14.74 10.44
CA ASN B 82 9.50 -15.76 9.45
C ASN B 82 8.43 -15.22 8.51
N GLN B 83 7.92 -16.07 7.62
CA GLN B 83 6.89 -15.66 6.66
C GLN B 83 5.56 -15.26 7.28
N ARG B 84 5.06 -16.08 8.19
CA ARG B 84 3.79 -15.81 8.85
C ARG B 84 3.85 -14.40 9.42
N GLU B 85 4.98 -14.07 10.04
CA GLU B 85 5.15 -12.73 10.59
C GLU B 85 5.20 -11.64 9.51
N ALA B 86 5.96 -11.88 8.44
CA ALA B 86 6.08 -10.90 7.37
C ALA B 86 4.70 -10.53 6.79
N ALA B 87 3.88 -11.54 6.58
CA ALA B 87 2.55 -11.32 6.04
C ALA B 87 1.73 -10.57 7.08
N GLN B 88 1.78 -11.03 8.33
CA GLN B 88 1.03 -10.36 9.39
C GLN B 88 1.49 -8.92 9.48
N MET B 89 2.76 -8.69 9.14
CA MET B 89 3.34 -7.36 9.18
C MET B 89 2.76 -6.45 8.11
N ASP B 90 2.64 -6.96 6.90
CA ASP B 90 2.06 -6.18 5.84
C ASP B 90 0.60 -5.78 6.11
N MET B 91 -0.19 -6.72 6.61
CA MET B 91 -1.59 -6.45 6.90
C MET B 91 -1.73 -5.29 7.92
N VAL B 92 -0.78 -5.19 8.85
CA VAL B 92 -0.82 -4.11 9.83
C VAL B 92 -0.48 -2.81 9.16
N ASN B 93 0.57 -2.82 8.36
CA ASN B 93 1.00 -1.61 7.66
C ASN B 93 -0.04 -1.08 6.70
N ASP B 94 -0.56 -1.95 5.82
CA ASP B 94 -1.56 -1.48 4.85
C ASP B 94 -2.77 -0.91 5.56
N GLY B 95 -2.97 -1.36 6.79
CA GLY B 95 -4.06 -0.88 7.60
C GLY B 95 -3.70 0.53 7.96
N VAL B 96 -2.47 0.71 8.42
CA VAL B 96 -1.98 2.04 8.79
C VAL B 96 -2.13 3.00 7.61
N GLU B 97 -1.67 2.53 6.44
CA GLU B 97 -1.72 3.33 5.24
C GLU B 97 -3.11 3.88 5.01
N ASP B 98 -4.14 3.05 5.16
CA ASP B 98 -5.50 3.52 4.94
C ASP B 98 -5.88 4.65 5.90
N LEU B 99 -5.83 4.40 7.20
CA LEU B 99 -6.18 5.45 8.14
C LEU B 99 -5.35 6.71 7.86
N ARG B 100 -4.12 6.56 7.35
CA ARG B 100 -3.28 7.70 7.04
C ARG B 100 -3.86 8.47 5.85
N GLY B 101 -4.26 7.75 4.82
CA GLY B 101 -4.82 8.39 3.64
C GLY B 101 -5.99 9.27 4.05
N LYS B 102 -6.90 8.74 4.86
CA LYS B 102 -8.03 9.54 5.31
C LYS B 102 -7.52 10.79 6.02
N TYR B 103 -6.48 10.66 6.83
CA TYR B 103 -5.89 11.82 7.52
C TYR B 103 -5.57 12.89 6.49
N VAL B 104 -4.67 12.55 5.57
CA VAL B 104 -4.26 13.44 4.52
C VAL B 104 -5.44 14.20 3.91
N THR B 105 -6.33 13.52 3.20
CA THR B 105 -7.48 14.18 2.56
C THR B 105 -8.32 15.11 3.46
N LEU B 106 -8.47 14.78 4.73
CA LEU B 106 -9.21 15.69 5.60
C LEU B 106 -8.36 16.96 5.65
N ILE B 107 -7.06 16.79 5.89
CA ILE B 107 -6.11 17.91 5.99
C ILE B 107 -6.07 18.86 4.78
N TYR B 108 -5.59 18.35 3.66
CA TYR B 108 -5.45 19.12 2.44
C TYR B 108 -6.71 19.28 1.58
N THR B 109 -7.88 18.92 2.13
CA THR B 109 -9.10 18.98 1.32
C THR B 109 -10.37 19.21 2.10
N ASN B 110 -10.31 19.28 3.42
CA ASN B 110 -11.56 19.46 4.15
C ASN B 110 -11.46 19.64 5.68
N TYR B 111 -10.28 20.00 6.18
CA TYR B 111 -10.06 20.16 7.61
C TYR B 111 -11.21 20.83 8.34
N GLU B 112 -11.55 22.01 7.85
CA GLU B 112 -12.60 22.86 8.41
C GLU B 112 -13.89 22.10 8.64
N ASN B 113 -14.52 21.71 7.54
CA ASN B 113 -15.78 20.99 7.56
C ASN B 113 -15.71 19.59 8.18
N GLY B 114 -14.85 18.75 7.61
CA GLY B 114 -14.73 17.38 8.06
C GLY B 114 -14.15 16.98 9.41
N LYS B 115 -13.30 17.80 10.02
CA LYS B 115 -12.71 17.40 11.29
C LYS B 115 -13.74 16.87 12.27
N ASN B 116 -14.93 17.46 12.23
CA ASN B 116 -16.03 17.09 13.11
C ASN B 116 -16.36 15.60 12.97
N ASP B 117 -16.38 15.10 11.75
CA ASP B 117 -16.69 13.69 11.54
C ASP B 117 -15.49 12.79 11.83
N TYR B 118 -14.33 13.11 11.26
CA TYR B 118 -13.12 12.31 11.45
C TYR B 118 -12.91 11.90 12.89
N VAL B 119 -12.90 12.88 13.80
CA VAL B 119 -12.71 12.58 15.21
C VAL B 119 -13.74 11.59 15.79
N LYS B 120 -14.97 11.62 15.31
CA LYS B 120 -15.98 10.72 15.88
C LYS B 120 -16.00 9.28 15.33
N ALA B 121 -15.46 9.08 14.15
CA ALA B 121 -15.44 7.75 13.58
C ALA B 121 -14.06 7.15 13.80
N LEU B 122 -13.14 8.00 14.26
CA LEU B 122 -11.79 7.57 14.49
C LEU B 122 -11.69 6.31 15.33
N PRO B 123 -12.35 6.28 16.52
CA PRO B 123 -12.28 5.08 17.37
C PRO B 123 -12.49 3.76 16.62
N GLY B 124 -13.42 3.76 15.67
CA GLY B 124 -13.69 2.56 14.92
C GLY B 124 -12.49 2.13 14.09
N HIS B 125 -11.58 3.07 13.86
CA HIS B 125 -10.37 2.82 13.08
C HIS B 125 -9.16 2.51 13.93
N LEU B 126 -9.25 2.81 15.21
CA LEU B 126 -8.14 2.54 16.11
C LEU B 126 -8.27 1.14 16.70
N LYS B 127 -9.51 0.70 16.89
CA LYS B 127 -9.80 -0.62 17.45
C LYS B 127 -8.89 -1.79 17.06
N PRO B 128 -8.68 -2.01 15.76
CA PRO B 128 -7.83 -3.12 15.31
C PRO B 128 -6.42 -3.13 15.90
N PHE B 129 -5.83 -1.95 16.04
CA PHE B 129 -4.48 -1.83 16.56
C PHE B 129 -4.49 -2.02 18.08
N GLU B 130 -5.68 -1.98 18.67
CA GLU B 130 -5.79 -2.21 20.09
C GLU B 130 -6.00 -3.70 20.18
N THR B 131 -6.67 -4.27 19.18
CA THR B 131 -6.96 -5.69 19.14
C THR B 131 -5.66 -6.47 18.92
N LEU B 132 -4.97 -6.15 17.84
CA LEU B 132 -3.72 -6.79 17.49
C LEU B 132 -2.80 -6.83 18.70
N LEU B 133 -2.67 -5.74 19.43
CA LEU B 133 -1.80 -5.70 20.62
C LEU B 133 -2.29 -6.64 21.71
N SER B 134 -3.56 -6.57 22.09
CA SER B 134 -4.08 -7.43 23.15
C SER B 134 -3.82 -8.90 22.84
N GLN B 135 -3.99 -9.27 21.57
CA GLN B 135 -3.75 -10.63 21.15
C GLN B 135 -2.27 -10.96 21.28
N ASN B 136 -1.41 -10.09 20.76
CA ASN B 136 0.03 -10.30 20.83
C ASN B 136 0.73 -9.98 22.14
N GLN B 137 0.92 -11.03 22.93
CA GLN B 137 1.61 -10.98 24.21
C GLN B 137 1.05 -9.94 25.14
N GLY B 138 -0.27 -9.93 25.27
CA GLY B 138 -0.94 -9.00 26.16
C GLY B 138 -0.63 -7.54 25.87
N GLY B 139 -0.06 -7.28 24.70
CA GLY B 139 0.29 -5.93 24.29
C GLY B 139 1.53 -5.39 25.00
N LYS B 140 2.44 -6.30 25.37
CA LYS B 140 3.68 -5.94 26.07
C LYS B 140 4.88 -5.90 25.13
N ALA B 141 4.68 -6.39 23.90
CA ALA B 141 5.75 -6.40 22.91
C ALA B 141 5.47 -5.33 21.86
N PHE B 142 5.54 -5.70 20.59
CA PHE B 142 5.28 -4.77 19.50
C PHE B 142 3.91 -5.06 18.83
N ILE B 143 3.69 -4.53 17.64
CA ILE B 143 2.44 -4.79 16.94
C ILE B 143 2.46 -6.25 16.46
N VAL B 144 3.61 -6.72 16.00
CA VAL B 144 3.77 -8.09 15.53
C VAL B 144 5.04 -8.79 16.06
N GLY B 145 4.84 -9.68 17.02
CA GLY B 145 5.94 -10.41 17.60
C GLY B 145 6.54 -9.64 18.74
N ASP B 146 7.76 -10.01 19.10
CA ASP B 146 8.49 -9.35 20.18
C ASP B 146 9.73 -8.62 19.67
N GLN B 147 9.79 -8.39 18.35
CA GLN B 147 10.91 -7.68 17.73
C GLN B 147 10.34 -6.50 16.93
N ILE B 148 10.85 -5.30 17.19
CA ILE B 148 10.37 -4.10 16.50
C ILE B 148 10.53 -4.24 14.96
N SER B 149 9.57 -3.72 14.21
CA SER B 149 9.61 -3.82 12.74
C SER B 149 9.29 -2.49 12.08
N PHE B 150 9.41 -2.46 10.76
CA PHE B 150 9.12 -1.24 10.04
C PHE B 150 7.69 -0.84 10.34
N ALA B 151 6.80 -1.82 10.46
CA ALA B 151 5.40 -1.51 10.74
C ALA B 151 5.14 -0.68 12.02
N ASP B 152 6.01 -0.83 13.02
CA ASP B 152 5.89 -0.10 14.29
C ASP B 152 6.19 1.39 14.21
N TYR B 153 7.08 1.78 13.28
CA TYR B 153 7.47 3.17 13.11
C TYR B 153 6.39 3.95 12.38
N ASN B 154 5.70 3.28 11.47
CA ASN B 154 4.61 3.92 10.73
C ASN B 154 3.48 4.12 11.73
N LEU B 155 3.05 3.05 12.39
CA LEU B 155 1.98 3.11 13.39
C LEU B 155 2.26 4.08 14.55
N LEU B 156 3.51 4.23 14.94
CA LEU B 156 3.83 5.16 16.02
C LEU B 156 3.54 6.59 15.51
N ASP B 157 4.05 6.90 14.32
CA ASP B 157 3.84 8.23 13.71
C ASP B 157 2.35 8.52 13.66
N LEU B 158 1.60 7.67 12.97
CA LEU B 158 0.17 7.80 12.83
C LEU B 158 -0.48 8.11 14.19
N LEU B 159 -0.11 7.38 15.22
CA LEU B 159 -0.72 7.64 16.53
C LEU B 159 -0.35 9.00 17.05
N LEU B 160 0.93 9.35 17.00
CA LEU B 160 1.36 10.65 17.51
C LEU B 160 0.61 11.80 16.78
N ILE B 161 0.64 11.72 15.46
CA ILE B 161 0.01 12.70 14.59
C ILE B 161 -1.49 12.82 14.88
N HIS B 162 -2.08 11.78 15.46
CA HIS B 162 -3.51 11.80 15.79
C HIS B 162 -3.79 12.35 17.18
N GLN B 163 -2.77 12.42 18.03
CA GLN B 163 -2.98 12.96 19.36
C GLN B 163 -3.11 14.47 19.27
N VAL B 164 -2.45 15.06 18.27
CA VAL B 164 -2.51 16.51 18.05
C VAL B 164 -3.86 16.92 17.46
N LEU B 165 -4.28 16.19 16.44
CA LEU B 165 -5.54 16.41 15.75
C LEU B 165 -6.73 16.24 16.66
N ALA B 166 -6.53 15.59 17.81
CA ALA B 166 -7.62 15.34 18.75
C ALA B 166 -7.12 14.73 20.04
N PRO B 167 -6.63 15.57 20.96
CA PRO B 167 -6.12 15.07 22.23
C PRO B 167 -7.04 14.07 22.92
N GLY B 168 -6.42 13.22 23.73
CA GLY B 168 -7.14 12.21 24.48
C GLY B 168 -7.88 11.18 23.66
N CYS B 169 -7.66 11.12 22.34
CA CYS B 169 -8.37 10.13 21.54
C CYS B 169 -8.01 8.72 21.98
N LEU B 170 -6.74 8.54 22.34
CA LEU B 170 -6.26 7.25 22.80
C LEU B 170 -6.58 6.93 24.25
N ASP B 171 -7.36 7.78 24.90
CA ASP B 171 -7.70 7.58 26.31
C ASP B 171 -8.57 6.35 26.60
N ASN B 172 -9.23 5.86 25.57
CA ASN B 172 -10.08 4.70 25.74
C ASN B 172 -9.39 3.44 25.25
N PHE B 173 -8.13 3.59 24.86
CA PHE B 173 -7.35 2.48 24.35
C PHE B 173 -6.05 2.34 25.18
N PRO B 174 -6.15 1.78 26.42
CA PRO B 174 -5.00 1.61 27.32
C PRO B 174 -3.75 1.11 26.61
N LEU B 175 -3.87 -0.04 25.94
CA LEU B 175 -2.75 -0.65 25.26
C LEU B 175 -2.08 0.26 24.28
N LEU B 176 -2.84 0.75 23.30
CA LEU B 176 -2.28 1.66 22.30
C LEU B 176 -1.57 2.85 22.98
N SER B 177 -2.17 3.38 24.05
CA SER B 177 -1.57 4.49 24.78
C SER B 177 -0.18 4.05 25.25
N ALA B 178 -0.15 2.91 25.93
CA ALA B 178 1.10 2.39 26.45
C ALA B 178 2.08 2.07 25.34
N TYR B 179 1.57 1.68 24.18
CA TYR B 179 2.46 1.38 23.08
C TYR B 179 3.16 2.66 22.67
N VAL B 180 2.44 3.77 22.76
CA VAL B 180 3.05 5.04 22.41
C VAL B 180 4.09 5.42 23.45
N ALA B 181 3.72 5.33 24.74
CA ALA B 181 4.65 5.66 25.82
C ALA B 181 5.93 4.85 25.68
N ARG B 182 5.82 3.53 25.63
CA ARG B 182 7.00 2.67 25.46
C ARG B 182 7.85 3.05 24.26
N LEU B 183 7.29 2.99 23.04
CA LEU B 183 8.07 3.35 21.86
C LEU B 183 8.65 4.75 21.87
N SER B 184 8.01 5.67 22.57
CA SER B 184 8.52 7.02 22.65
C SER B 184 9.72 7.12 23.61
N ALA B 185 9.71 6.30 24.66
CA ALA B 185 10.79 6.31 25.64
C ALA B 185 12.14 5.79 25.09
N ARG B 186 12.11 5.11 23.96
CA ARG B 186 13.35 4.59 23.40
C ARG B 186 14.39 5.69 23.16
N PRO B 187 15.59 5.53 23.75
CA PRO B 187 16.71 6.45 23.67
C PRO B 187 16.84 7.30 22.39
N LYS B 188 16.94 6.65 21.24
CA LYS B 188 17.07 7.42 20.00
C LYS B 188 15.77 8.12 19.64
N ILE B 189 14.66 7.46 19.91
CA ILE B 189 13.34 8.01 19.60
C ILE B 189 13.17 9.30 20.34
N LYS B 190 13.27 9.23 21.67
CA LYS B 190 13.12 10.41 22.54
C LYS B 190 13.96 11.56 22.01
N ALA B 191 15.21 11.26 21.68
CA ALA B 191 16.12 12.26 21.16
C ALA B 191 15.52 12.86 19.91
N PHE B 192 15.18 12.01 18.95
CA PHE B 192 14.62 12.49 17.69
C PHE B 192 13.38 13.36 17.87
N LEU B 193 12.50 12.96 18.77
CA LEU B 193 11.30 13.73 19.03
C LEU B 193 11.61 15.02 19.78
N SER B 194 12.79 15.09 20.38
CA SER B 194 13.26 16.28 21.13
C SER B 194 14.10 17.22 20.28
N SER B 195 14.68 16.69 19.21
CA SER B 195 15.53 17.45 18.30
C SER B 195 14.79 18.54 17.53
N PRO B 196 15.36 19.76 17.51
CA PRO B 196 14.77 20.90 16.81
C PRO B 196 14.51 20.52 15.35
N GLU B 197 15.44 19.75 14.77
CA GLU B 197 15.36 19.29 13.39
C GLU B 197 13.97 18.73 13.11
N HIS B 198 13.48 17.97 14.07
CA HIS B 198 12.17 17.38 13.97
C HIS B 198 11.12 18.38 14.44
N VAL B 199 11.32 18.94 15.62
CA VAL B 199 10.35 19.89 16.18
C VAL B 199 9.95 21.06 15.28
N ASN B 200 10.93 21.81 14.79
CA ASN B 200 10.67 23.00 13.96
C ASN B 200 10.04 22.61 12.64
N ARG B 201 10.01 21.32 12.36
CA ARG B 201 9.43 20.81 11.13
C ARG B 201 7.90 20.78 11.30
N PRO B 202 7.16 21.41 10.36
CA PRO B 202 5.69 21.43 10.45
C PRO B 202 5.11 20.05 10.08
N ILE B 203 4.06 19.63 10.78
CA ILE B 203 3.48 18.32 10.52
C ILE B 203 3.05 18.16 9.07
N ASN B 204 2.20 19.05 8.57
CA ASN B 204 1.75 18.97 7.19
C ASN B 204 2.15 20.24 6.46
N GLY B 205 2.12 20.20 5.13
CA GLY B 205 2.49 21.36 4.32
C GLY B 205 1.73 22.66 4.58
N ASN B 206 0.40 22.59 4.57
CA ASN B 206 -0.44 23.76 4.80
C ASN B 206 -0.63 24.08 6.28
N GLY B 207 0.39 23.79 7.07
CA GLY B 207 0.35 24.08 8.50
C GLY B 207 -0.94 23.82 9.24
N LYS B 208 -1.68 22.80 8.82
CA LYS B 208 -2.93 22.45 9.47
C LYS B 208 -2.71 21.17 10.26
N GLN B 209 -3.33 21.11 11.44
CA GLN B 209 -3.23 19.97 12.34
C GLN B 209 -4.25 20.16 13.45
#